data_4DL7
#
_entry.id   4DL7
#
_cell.length_a   99.000
_cell.length_b   99.000
_cell.length_c   81.890
_cell.angle_alpha   90.00
_cell.angle_beta   90.00
_cell.angle_gamma   120.00
#
_symmetry.space_group_name_H-M   'P 61'
#
loop_
_entity.id
_entity.type
_entity.pdbx_description
1 polymer 'DNA polymerase eta'
2 polymer "DNA (5'-D(*TP*AP*CP*TP*CP*GP*GP*TP*CP*AP*CP*T)-3')"
3 polymer "DNA (5'-D(*TP*AP*GP*TP*GP*AP*CP*CP*G)-3')"
4 non-polymer GLYCEROL
5 non-polymer "2'-deoxy-5'-O-[(R)-hydroxy{[(R)-hydroxy(phosphonooxy)phosphoryl]amino}phosphoryl]adenosine"
6 non-polymer Cisplatin
7 water water
#
loop_
_entity_poly.entity_id
_entity_poly.type
_entity_poly.pdbx_seq_one_letter_code
_entity_poly.pdbx_strand_id
1 'polypeptide(L)'
;GPHMATGQDRVVALVDMDCFFVQVEQRQNPHLRNKPCAVVQYKSWKGGGIIAVSYEARAFGVTRSMWADDAKKLCPDLLL
AQVRESRGKANLTKYREASVEVMEIMSRFAVIERASIDEAYVDLTSAVQERLQKLQGQPISADLLPSTYIEGLPQGPTTA
EETVQKEGMRKQGLFQWLDSLQIDNLTSPDLQLTVGAVIVEEMRAAIERETGFQCSAGISHNKVLAKLACGLNKPNRQTL
VSHGSVPQLFSQMPIRKIRSLGGKLGASVIEILGIEYMGELTQFTESQLQSHFGEKNGSWLYAMCRGIEHDPVKPRQLPK
TIGCSKNFPGKTALATREQVQWWLLQLAQELEERLTKDRNDNDRVATQLVVSIRVQGDKRLSSLRRCCALTRYDAHKMSH
DAFTVIKNCNTSGIQTEWSPPLTMLFLCATKFSAS
;
A
2 'polydeoxyribonucleotide' (DT)(DA)(DC)(DT)(DC)(DG)(DG)(DT)(DC)(DA)(DC)(DT) T
3 'polydeoxyribonucleotide' (DT)(DA)(DG)(DT)(DG)(DA)(DC)(DC)(DG) P
#
# COMPACT_ATOMS: atom_id res chain seq x y z
N GLY A 1 13.04 15.33 27.31
CA GLY A 1 13.98 15.27 28.42
C GLY A 1 15.18 14.39 28.11
N PRO A 2 15.98 14.08 29.14
CA PRO A 2 17.20 13.28 29.02
C PRO A 2 16.91 11.81 28.75
N HIS A 3 15.75 11.35 29.20
CA HIS A 3 15.43 9.93 29.16
C HIS A 3 14.16 9.59 28.37
N MET A 4 13.54 10.61 27.79
CA MET A 4 12.39 10.40 26.94
C MET A 4 12.84 10.05 25.52
N ALA A 5 12.36 8.92 25.03
CA ALA A 5 12.68 8.48 23.68
C ALA A 5 11.94 9.33 22.66
N THR A 6 12.57 9.56 21.51
CA THR A 6 12.00 10.44 20.49
C THR A 6 11.64 9.72 19.20
N GLY A 7 11.88 8.40 19.18
CA GLY A 7 11.56 7.61 18.01
C GLY A 7 12.29 8.05 16.75
N GLN A 8 13.55 8.44 16.92
CA GLN A 8 14.38 8.88 15.80
C GLN A 8 15.48 7.89 15.51
N ASP A 9 15.28 6.64 15.95
CA ASP A 9 16.31 5.61 15.85
C ASP A 9 16.50 5.07 14.43
N ARG A 10 15.46 5.12 13.61
CA ARG A 10 15.50 4.53 12.28
C ARG A 10 15.24 5.53 11.16
N VAL A 11 15.65 5.18 9.96
CA VAL A 11 15.23 5.89 8.76
C VAL A 11 14.38 4.93 7.94
N VAL A 12 13.10 5.25 7.78
CA VAL A 12 12.17 4.38 7.09
C VAL A 12 11.48 5.11 5.94
N ALA A 13 11.27 4.40 4.84
CA ALA A 13 10.59 4.98 3.69
C ALA A 13 9.41 4.12 3.26
N LEU A 14 8.40 4.77 2.70
CA LEU A 14 7.27 4.07 2.11
C LEU A 14 7.17 4.47 0.64
N VAL A 15 7.31 3.48 -0.25
CA VAL A 15 7.28 3.74 -1.67
C VAL A 15 5.99 3.24 -2.30
N ASP A 16 5.31 4.12 -3.03
CA ASP A 16 4.06 3.75 -3.70
C ASP A 16 4.12 4.08 -5.18
N MET A 17 3.92 3.07 -6.01
CA MET A 17 3.85 3.28 -7.44
C MET A 17 2.60 4.11 -7.72
N ASP A 18 2.72 5.15 -8.54
CA ASP A 18 1.57 5.98 -8.83
C ASP A 18 0.62 5.26 -9.78
N CYS A 19 -0.65 5.14 -9.40
CA CYS A 19 -1.68 4.63 -10.31
C CYS A 19 -1.12 3.41 -11.05
N PHE A 20 -0.67 2.41 -10.29
CA PHE A 20 0.24 1.42 -10.82
C PHE A 20 -0.31 0.61 -12.00
N PHE A 21 -1.54 0.13 -11.92
CA PHE A 21 -2.14 -0.62 -13.02
C PHE A 21 -2.15 0.20 -14.30
N VAL A 22 -2.47 1.48 -14.18
CA VAL A 22 -2.50 2.39 -15.32
C VAL A 22 -1.12 2.50 -15.97
N GLN A 23 -0.09 2.66 -15.15
CA GLN A 23 1.28 2.75 -15.66
C GLN A 23 1.68 1.51 -16.43
N VAL A 24 1.28 0.34 -15.93
CA VAL A 24 1.59 -0.92 -16.60
C VAL A 24 1.00 -0.95 -18.01
N GLU A 25 -0.27 -0.56 -18.12
CA GLU A 25 -0.95 -0.53 -19.41
C GLU A 25 -0.39 0.57 -20.31
N GLN A 26 0.01 1.68 -19.70
CA GLN A 26 0.58 2.79 -20.45
C GLN A 26 1.95 2.44 -21.02
N ARG A 27 2.74 1.69 -20.27
CA ARG A 27 4.03 1.24 -20.77
C ARG A 27 3.82 0.31 -21.96
N GLN A 28 2.84 -0.58 -21.83
CA GLN A 28 2.54 -1.55 -22.87
C GLN A 28 1.95 -0.89 -24.12
N ASN A 29 1.09 0.11 -23.91
CA ASN A 29 0.47 0.84 -25.01
C ASN A 29 0.79 2.32 -24.95
N PRO A 30 1.78 2.76 -25.76
CA PRO A 30 2.23 4.15 -25.82
C PRO A 30 1.10 5.15 -26.10
N HIS A 31 0.02 4.69 -26.72
CA HIS A 31 -1.10 5.58 -27.03
C HIS A 31 -1.79 6.11 -25.76
N LEU A 32 -1.68 5.36 -24.68
CA LEU A 32 -2.33 5.74 -23.43
C LEU A 32 -1.50 6.71 -22.61
N ARG A 33 -0.23 6.87 -22.97
CA ARG A 33 0.70 7.70 -22.20
C ARG A 33 0.32 9.17 -22.21
N ASN A 34 0.49 9.81 -21.06
CA ASN A 34 0.25 11.25 -20.92
C ASN A 34 -1.18 11.65 -21.25
N LYS A 35 -2.13 10.77 -20.93
CA LYS A 35 -3.53 11.04 -21.20
C LYS A 35 -4.42 10.62 -20.04
N PRO A 36 -5.60 11.23 -19.92
CA PRO A 36 -6.56 10.74 -18.93
C PRO A 36 -6.93 9.31 -19.29
N CYS A 37 -6.50 8.38 -18.47
CA CYS A 37 -6.52 6.93 -18.74
CA CYS A 37 -6.89 7.01 -18.76
C CYS A 37 -7.02 6.20 -17.49
N ALA A 38 -7.74 5.09 -17.57
CA ALA A 38 -8.12 4.30 -16.42
C ALA A 38 -8.13 2.82 -16.76
N VAL A 39 -7.97 1.99 -15.74
CA VAL A 39 -8.03 0.54 -15.94
C VAL A 39 -9.38 0.02 -15.46
N VAL A 40 -10.04 -0.75 -16.30
CA VAL A 40 -11.40 -1.22 -16.10
CA VAL A 40 -11.40 -1.24 -16.06
C VAL A 40 -11.45 -2.74 -16.08
N GLN A 41 -12.10 -3.41 -15.13
CA GLN A 41 -12.34 -4.83 -15.25
C GLN A 41 -13.80 -5.19 -15.49
N TYR A 42 -14.01 -5.97 -16.54
CA TYR A 42 -15.33 -6.38 -16.98
C TYR A 42 -15.81 -5.23 -17.85
N LYS A 43 -16.68 -5.49 -18.81
CA LYS A 43 -17.20 -4.38 -19.62
C LYS A 43 -18.73 -4.33 -19.71
N SER A 44 -19.35 -5.47 -19.45
CA SER A 44 -20.80 -5.62 -19.69
C SER A 44 -21.69 -4.77 -18.78
N TRP A 45 -21.43 -4.81 -17.47
CA TRP A 45 -22.26 -4.08 -16.52
C TRP A 45 -21.81 -2.63 -16.34
N LYS A 46 -22.58 -1.71 -16.91
CA LYS A 46 -22.30 -0.28 -16.80
C LYS A 46 -20.90 0.10 -17.28
N GLY A 47 -20.39 -0.63 -18.27
CA GLY A 47 -19.10 -0.31 -18.86
C GLY A 47 -17.92 -0.87 -18.10
N GLY A 48 -18.20 -1.54 -16.98
CA GLY A 48 -17.17 -2.13 -16.16
C GLY A 48 -16.79 -1.25 -14.98
N GLY A 49 -15.97 -1.79 -14.08
CA GLY A 49 -15.56 -1.08 -12.90
C GLY A 49 -14.14 -0.53 -12.99
N ILE A 50 -14.00 0.77 -12.74
CA ILE A 50 -12.70 1.42 -12.74
C ILE A 50 -11.92 1.04 -11.48
N ILE A 51 -10.71 0.52 -11.64
CA ILE A 51 -9.90 0.12 -10.49
C ILE A 51 -8.63 0.96 -10.32
N ALA A 52 -8.23 1.67 -11.37
CA ALA A 52 -7.06 2.54 -11.30
C ALA A 52 -7.24 3.74 -12.23
N VAL A 53 -6.78 4.91 -11.79
CA VAL A 53 -7.02 6.14 -12.53
C VAL A 53 -5.75 6.99 -12.65
N SER A 54 -5.42 7.39 -13.88
CA SER A 54 -4.28 8.27 -14.11
C SER A 54 -4.56 9.64 -13.53
N TYR A 55 -3.50 10.39 -13.22
CA TYR A 55 -3.66 11.70 -12.61
C TYR A 55 -4.32 12.71 -13.55
N GLU A 56 -4.11 12.56 -14.85
CA GLU A 56 -4.82 13.38 -15.82
C GLU A 56 -6.32 13.15 -15.70
N ALA A 57 -6.70 11.89 -15.52
CA ALA A 57 -8.10 11.52 -15.41
C ALA A 57 -8.69 11.96 -14.07
N ARG A 58 -7.90 11.86 -13.01
CA ARG A 58 -8.36 12.28 -11.69
C ARG A 58 -8.75 13.75 -11.68
N ALA A 59 -8.09 14.55 -12.52
CA ALA A 59 -8.40 15.97 -12.62
C ALA A 59 -9.86 16.19 -13.01
N PHE A 60 -10.42 15.23 -13.75
CA PHE A 60 -11.81 15.31 -14.18
C PHE A 60 -12.77 14.77 -13.12
N GLY A 61 -12.21 14.24 -12.03
CA GLY A 61 -13.02 13.71 -10.95
C GLY A 61 -13.23 12.20 -11.05
N VAL A 62 -12.55 11.56 -11.98
CA VAL A 62 -12.62 10.11 -12.12
C VAL A 62 -11.92 9.45 -10.94
N THR A 63 -12.55 8.42 -10.39
CA THR A 63 -12.01 7.72 -9.23
C THR A 63 -12.17 6.21 -9.39
N ARG A 64 -11.45 5.45 -8.57
CA ARG A 64 -11.63 4.00 -8.55
C ARG A 64 -12.97 3.68 -7.91
N SER A 65 -13.41 2.44 -8.08
CA SER A 65 -14.73 2.06 -7.63
CA SER A 65 -14.74 2.01 -7.67
C SER A 65 -15.87 2.87 -8.22
N MET A 66 -15.68 3.17 -9.51
CA MET A 66 -16.65 3.96 -10.25
C MET A 66 -16.95 3.23 -11.55
N TRP A 67 -18.21 3.24 -11.96
CA TRP A 67 -18.59 2.59 -13.22
C TRP A 67 -18.00 3.36 -14.39
N ALA A 68 -17.50 2.63 -15.38
CA ALA A 68 -16.88 3.26 -16.55
C ALA A 68 -17.85 4.22 -17.25
N ASP A 69 -19.11 3.82 -17.33
CA ASP A 69 -20.12 4.67 -17.95
C ASP A 69 -20.23 6.01 -17.25
N ASP A 70 -20.10 5.98 -15.92
CA ASP A 70 -20.17 7.21 -15.13
C ASP A 70 -18.89 8.03 -15.26
N ALA A 71 -17.76 7.34 -15.37
CA ALA A 71 -16.48 8.01 -15.57
C ALA A 71 -16.47 8.75 -16.91
N LYS A 72 -17.06 8.13 -17.92
CA LYS A 72 -17.15 8.74 -19.24
C LYS A 72 -17.97 10.02 -19.23
N LYS A 73 -18.90 10.12 -18.30
CA LYS A 73 -19.72 11.32 -18.15
C LYS A 73 -18.87 12.49 -17.64
N LEU A 74 -17.99 12.18 -16.70
CA LEU A 74 -17.09 13.20 -16.13
C LEU A 74 -15.96 13.52 -17.10
N CYS A 75 -15.48 12.51 -17.80
CA CYS A 75 -14.36 12.66 -18.72
C CYS A 75 -14.65 11.93 -20.03
N PRO A 76 -15.27 12.65 -20.99
CA PRO A 76 -15.71 12.08 -22.27
C PRO A 76 -14.57 11.44 -23.07
N ASP A 77 -13.38 12.01 -22.99
CA ASP A 77 -12.24 11.51 -23.76
C ASP A 77 -11.40 10.48 -22.99
N LEU A 78 -11.95 9.99 -21.88
CA LEU A 78 -11.26 9.00 -21.07
C LEU A 78 -10.89 7.77 -21.89
N LEU A 79 -9.64 7.34 -21.77
CA LEU A 79 -9.19 6.11 -22.43
C LEU A 79 -9.18 4.98 -21.41
N LEU A 80 -9.51 3.77 -21.86
CA LEU A 80 -9.63 2.64 -20.95
C LEU A 80 -8.75 1.46 -21.36
N ALA A 81 -8.08 0.86 -20.38
CA ALA A 81 -7.37 -0.39 -20.58
C ALA A 81 -8.06 -1.47 -19.77
N GLN A 82 -8.24 -2.63 -20.39
CA GLN A 82 -9.00 -3.72 -19.76
C GLN A 82 -8.13 -4.74 -19.05
N VAL A 83 -8.51 -5.08 -17.83
CA VAL A 83 -7.88 -6.16 -17.10
C VAL A 83 -8.07 -7.46 -17.88
N ARG A 84 -7.00 -8.25 -17.94
CA ARG A 84 -7.07 -9.56 -18.60
C ARG A 84 -8.13 -10.43 -17.94
N GLU A 85 -8.89 -11.14 -18.77
CA GLU A 85 -9.92 -12.05 -18.27
C GLU A 85 -9.56 -13.49 -18.63
N SER A 86 -9.45 -14.34 -17.62
CA SER A 86 -9.12 -15.74 -17.83
C SER A 86 -10.05 -16.63 -17.02
N ARG A 87 -10.57 -17.67 -17.67
CA ARG A 87 -11.48 -18.62 -17.03
C ARG A 87 -12.69 -17.92 -16.42
N GLY A 88 -13.15 -16.86 -17.09
CA GLY A 88 -14.36 -16.18 -16.67
C GLY A 88 -14.19 -15.20 -15.52
N LYS A 89 -12.94 -14.93 -15.14
CA LYS A 89 -12.69 -13.98 -14.07
C LYS A 89 -11.49 -13.08 -14.38
N ALA A 90 -11.40 -11.97 -13.66
CA ALA A 90 -10.27 -11.05 -13.82
C ALA A 90 -8.97 -11.72 -13.42
N ASN A 91 -7.93 -11.49 -14.21
CA ASN A 91 -6.61 -12.06 -13.93
C ASN A 91 -5.58 -10.94 -13.81
N LEU A 92 -4.92 -10.89 -12.65
CA LEU A 92 -4.02 -9.78 -12.35
C LEU A 92 -2.53 -10.13 -12.53
N THR A 93 -2.25 -11.19 -13.27
CA THR A 93 -0.88 -11.67 -13.43
C THR A 93 0.07 -10.60 -13.96
N LYS A 94 -0.38 -9.82 -14.95
CA LYS A 94 0.47 -8.80 -15.55
C LYS A 94 0.96 -7.80 -14.51
N TYR A 95 0.08 -7.47 -13.56
CA TYR A 95 0.38 -6.47 -12.55
C TYR A 95 1.25 -7.05 -11.42
N ARG A 96 0.99 -8.29 -11.06
CA ARG A 96 1.82 -8.98 -10.08
C ARG A 96 3.25 -9.12 -10.59
N GLU A 97 3.39 -9.44 -11.87
CA GLU A 97 4.71 -9.58 -12.48
C GLU A 97 5.43 -8.24 -12.59
N ALA A 98 4.69 -7.18 -12.91
CA ALA A 98 5.25 -5.84 -12.96
C ALA A 98 5.73 -5.43 -11.57
N SER A 99 4.96 -5.79 -10.56
CA SER A 99 5.32 -5.49 -9.17
C SER A 99 6.64 -6.14 -8.81
N VAL A 100 6.84 -7.38 -9.26
CA VAL A 100 8.08 -8.09 -9.01
C VAL A 100 9.28 -7.37 -9.63
N GLU A 101 9.08 -6.84 -10.84
CA GLU A 101 10.11 -6.02 -11.49
C GLU A 101 10.60 -4.94 -10.54
N VAL A 102 9.66 -4.18 -10.00
CA VAL A 102 9.98 -3.03 -9.16
C VAL A 102 10.60 -3.45 -7.84
N MET A 103 9.98 -4.43 -7.18
CA MET A 103 10.44 -4.89 -5.87
C MET A 103 11.88 -5.39 -5.92
N GLU A 104 12.23 -6.10 -6.99
CA GLU A 104 13.58 -6.63 -7.13
C GLU A 104 14.62 -5.52 -7.22
N ILE A 105 14.27 -4.44 -7.90
CA ILE A 105 15.15 -3.28 -8.02
C ILE A 105 15.31 -2.59 -6.67
N MET A 106 14.21 -2.48 -5.91
CA MET A 106 14.25 -1.87 -4.60
C MET A 106 15.15 -2.63 -3.63
N SER A 107 15.14 -3.94 -3.73
CA SER A 107 15.87 -4.76 -2.78
CA SER A 107 15.87 -4.77 -2.78
C SER A 107 17.38 -4.54 -2.93
N ARG A 108 17.80 -3.99 -4.06
CA ARG A 108 19.23 -3.78 -4.33
C ARG A 108 19.75 -2.69 -3.40
N PHE A 109 18.89 -1.72 -3.11
CA PHE A 109 19.26 -0.56 -2.31
C PHE A 109 19.12 -0.80 -0.81
N ALA A 110 18.06 -1.51 -0.42
CA ALA A 110 17.79 -1.73 1.00
C ALA A 110 16.81 -2.88 1.25
N VAL A 111 16.59 -3.15 2.53
CA VAL A 111 15.63 -4.17 2.95
C VAL A 111 14.20 -3.67 2.78
N ILE A 112 13.35 -4.48 2.15
CA ILE A 112 11.98 -4.05 1.87
C ILE A 112 10.93 -4.99 2.45
N GLU A 113 9.80 -4.40 2.84
CA GLU A 113 8.62 -5.15 3.25
C GLU A 113 7.53 -4.89 2.22
N ARG A 114 7.08 -5.94 1.55
CA ARG A 114 6.04 -5.82 0.55
C ARG A 114 4.68 -5.61 1.21
N ALA A 115 4.22 -4.36 1.24
CA ALA A 115 2.94 -4.03 1.84
C ALA A 115 1.78 -4.47 0.95
N SER A 116 1.94 -4.24 -0.35
CA SER A 116 0.92 -4.62 -1.32
C SER A 116 1.53 -4.71 -2.72
N ILE A 117 0.68 -4.92 -3.71
CA ILE A 117 1.15 -5.06 -5.08
C ILE A 117 1.85 -3.78 -5.57
N ASP A 118 1.44 -2.63 -5.04
CA ASP A 118 2.00 -1.36 -5.47
C ASP A 118 2.69 -0.59 -4.34
N GLU A 119 2.78 -1.21 -3.16
CA GLU A 119 3.36 -0.55 -1.99
C GLU A 119 4.44 -1.37 -1.30
N ALA A 120 5.51 -0.70 -0.88
CA ALA A 120 6.57 -1.35 -0.12
C ALA A 120 7.24 -0.41 0.87
N TYR A 121 7.45 -0.90 2.10
CA TYR A 121 8.20 -0.16 3.09
C TYR A 121 9.70 -0.48 2.94
N VAL A 122 10.54 0.51 3.25
CA VAL A 122 11.97 0.35 3.09
C VAL A 122 12.71 0.79 4.36
N ASP A 123 13.60 -0.08 4.85
CA ASP A 123 14.41 0.26 6.02
C ASP A 123 15.79 0.72 5.56
N LEU A 124 16.06 2.01 5.72
CA LEU A 124 17.27 2.62 5.20
C LEU A 124 18.34 2.90 6.26
N THR A 125 18.08 2.47 7.49
CA THR A 125 18.98 2.77 8.60
C THR A 125 20.42 2.37 8.31
N SER A 126 20.62 1.10 7.92
CA SER A 126 21.96 0.60 7.63
C SER A 126 22.56 1.29 6.41
N ALA A 127 21.77 1.45 5.36
CA ALA A 127 22.23 2.08 4.13
C ALA A 127 22.67 3.52 4.38
N VAL A 128 21.91 4.24 5.19
CA VAL A 128 22.24 5.62 5.53
C VAL A 128 23.57 5.72 6.26
N GLN A 129 23.79 4.83 7.22
CA GLN A 129 25.02 4.82 7.98
C GLN A 129 26.23 4.62 7.07
N GLU A 130 26.12 3.65 6.16
CA GLU A 130 27.19 3.37 5.21
C GLU A 130 27.45 4.56 4.30
N ARG A 131 26.38 5.17 3.82
CA ARG A 131 26.51 6.35 2.95
C ARG A 131 27.20 7.50 3.67
N LEU A 132 26.88 7.66 4.96
CA LEU A 132 27.45 8.74 5.76
C LEU A 132 28.96 8.62 5.92
N GLN A 133 29.45 7.40 6.19
CA GLN A 133 30.88 7.17 6.34
C GLN A 133 31.61 7.49 5.04
N LYS A 134 31.02 7.06 3.93
CA LYS A 134 31.54 7.34 2.61
C LYS A 134 31.52 8.84 2.33
N LEU A 135 30.49 9.50 2.83
CA LEU A 135 30.21 10.90 2.52
C LEU A 135 30.72 11.82 3.62
N GLN A 136 31.47 11.26 4.56
CA GLN A 136 31.79 11.97 5.81
C GLN A 136 32.33 13.39 5.63
N GLY A 137 31.75 14.31 6.39
CA GLY A 137 32.16 15.70 6.36
C GLY A 137 31.96 16.35 5.01
N GLN A 138 30.96 15.89 4.27
CA GLN A 138 30.69 16.43 2.95
C GLN A 138 29.28 17.00 2.89
N PRO A 139 29.17 18.30 2.54
CA PRO A 139 27.88 18.98 2.39
C PRO A 139 26.98 18.27 1.36
N ILE A 140 25.68 18.29 1.62
CA ILE A 140 24.72 17.67 0.72
C ILE A 140 24.10 18.70 -0.22
N SER A 141 24.34 18.54 -1.51
CA SER A 141 23.85 19.47 -2.51
C SER A 141 22.37 19.27 -2.79
N ALA A 142 21.68 20.36 -3.09
CA ALA A 142 20.26 20.31 -3.43
C ALA A 142 20.02 19.49 -4.70
N ASP A 143 21.05 19.43 -5.54
CA ASP A 143 20.96 18.68 -6.80
C ASP A 143 20.75 17.18 -6.55
N LEU A 144 21.08 16.74 -5.34
CA LEU A 144 20.92 15.33 -4.98
C LEU A 144 19.48 15.02 -4.58
N LEU A 145 18.67 16.07 -4.47
CA LEU A 145 17.27 15.92 -4.08
C LEU A 145 16.36 16.70 -5.02
N PRO A 146 16.34 16.30 -6.30
CA PRO A 146 15.61 17.03 -7.35
C PRO A 146 14.10 16.93 -7.23
N SER A 147 13.59 15.93 -6.52
CA SER A 147 12.15 15.74 -6.40
C SER A 147 11.69 15.67 -4.94
N THR A 148 12.49 16.22 -4.04
CA THR A 148 12.23 16.10 -2.61
C THR A 148 11.53 17.32 -2.01
N TYR A 149 10.48 17.06 -1.23
CA TYR A 149 9.78 18.09 -0.49
C TYR A 149 10.06 17.94 1.00
N ILE A 150 10.36 19.07 1.65
CA ILE A 150 10.55 19.08 3.10
C ILE A 150 9.30 19.63 3.77
N GLU A 151 8.52 18.75 4.38
CA GLU A 151 7.26 19.14 5.01
C GLU A 151 7.47 20.21 6.08
N GLY A 152 6.64 21.25 6.04
CA GLY A 152 6.71 22.33 7.00
C GLY A 152 7.52 23.49 6.50
N LEU A 153 8.21 23.29 5.39
CA LEU A 153 9.03 24.34 4.78
C LEU A 153 8.59 24.62 3.35
N PRO A 154 8.86 25.84 2.85
CA PRO A 154 9.60 26.88 3.56
C PRO A 154 8.75 27.59 4.61
N GLN A 155 9.41 28.24 5.57
CA GLN A 155 8.72 29.00 6.60
C GLN A 155 9.41 30.36 6.79
N GLY A 156 8.65 31.35 7.23
CA GLY A 156 9.20 32.66 7.54
C GLY A 156 9.11 33.62 6.37
N THR A 163 7.11 32.69 -3.18
CA THR A 163 7.19 32.35 -4.60
C THR A 163 5.96 31.56 -5.05
N VAL A 164 5.32 32.03 -6.11
CA VAL A 164 4.02 31.53 -6.51
C VAL A 164 4.04 30.13 -7.14
N GLN A 165 5.13 29.80 -7.84
CA GLN A 165 5.27 28.49 -8.47
C GLN A 165 5.54 27.35 -7.48
N LYS A 166 4.97 26.18 -7.74
CA LYS A 166 5.15 25.04 -6.85
C LYS A 166 6.61 24.58 -6.75
N GLU A 167 7.29 24.56 -7.89
CA GLU A 167 8.70 24.16 -7.91
C GLU A 167 9.56 25.17 -7.16
N GLY A 168 9.22 26.45 -7.27
CA GLY A 168 9.92 27.49 -6.56
C GLY A 168 9.82 27.30 -5.07
N MET A 169 8.60 27.02 -4.60
CA MET A 169 8.37 26.74 -3.19
C MET A 169 9.18 25.55 -2.70
N ARG A 170 9.14 24.47 -3.47
CA ARG A 170 9.85 23.25 -3.11
C ARG A 170 11.33 23.52 -2.88
N LYS A 171 11.94 24.23 -3.81
CA LYS A 171 13.37 24.55 -3.73
C LYS A 171 13.69 25.43 -2.53
N GLN A 172 12.85 26.42 -2.28
CA GLN A 172 13.04 27.30 -1.13
C GLN A 172 12.98 26.52 0.17
N GLY A 173 12.03 25.60 0.26
CA GLY A 173 11.92 24.73 1.42
C GLY A 173 13.15 23.87 1.57
N LEU A 174 13.63 23.34 0.45
CA LEU A 174 14.82 22.50 0.45
C LEU A 174 16.06 23.28 0.88
N PHE A 175 16.18 24.50 0.39
CA PHE A 175 17.33 25.35 0.73
C PHE A 175 17.38 25.65 2.22
N GLN A 176 16.24 26.02 2.79
CA GLN A 176 16.16 26.32 4.22
C GLN A 176 16.58 25.10 5.05
N TRP A 177 16.10 23.93 4.64
CA TRP A 177 16.43 22.68 5.32
C TRP A 177 17.93 22.39 5.22
N LEU A 178 18.46 22.44 4.01
CA LEU A 178 19.85 22.14 3.77
C LEU A 178 20.79 23.12 4.44
N ASP A 179 20.45 24.42 4.36
CA ASP A 179 21.25 25.44 5.02
C ASP A 179 21.32 25.21 6.53
N SER A 180 20.21 24.74 7.10
CA SER A 180 20.12 24.50 8.54
C SER A 180 21.00 23.32 8.95
N LEU A 181 21.22 22.42 8.00
N LEU A 181 20.94 22.25 8.16
CA LEU A 181 21.71 21.09 8.32
CA LEU A 181 21.69 21.05 8.44
C LEU A 181 23.13 21.12 8.88
C LEU A 181 23.14 21.43 8.39
N GLN A 182 23.38 20.21 9.82
N GLN A 182 23.44 22.20 7.35
CA GLN A 182 24.66 20.06 10.49
CA GLN A 182 24.77 22.65 7.06
C GLN A 182 25.33 18.81 9.96
C GLN A 182 25.24 23.51 8.20
N ILE A 183 26.27 19.01 9.04
N ILE A 183 24.34 24.25 8.83
CA ILE A 183 26.90 17.87 8.37
CA ILE A 183 24.86 25.25 9.80
C ILE A 183 27.82 17.03 9.25
C ILE A 183 25.01 24.64 11.20
N ASP A 184 28.53 17.67 10.17
N ASP A 184 24.63 23.36 11.31
CA ASP A 184 29.56 16.97 10.95
CA ASP A 184 24.68 22.63 12.57
C ASP A 184 29.03 15.85 11.85
C ASP A 184 23.44 22.89 13.43
N ASN A 185 27.90 16.10 12.50
N ASN A 185 22.46 23.58 12.84
CA ASN A 185 27.33 15.13 13.42
CA ASN A 185 21.23 23.91 13.55
C ASN A 185 26.62 13.99 12.70
C ASN A 185 20.30 22.70 13.73
N LEU A 186 27.28 12.85 12.61
N LEU A 186 20.37 21.75 12.81
CA LEU A 186 26.72 11.69 11.93
CA LEU A 186 19.51 20.57 12.88
C LEU A 186 25.43 11.22 12.61
C LEU A 186 20.17 19.41 13.62
N THR A 187 25.32 11.50 13.90
N THR A 187 19.43 18.33 13.82
CA THR A 187 24.17 11.05 14.69
CA THR A 187 19.89 17.21 14.64
C THR A 187 22.91 11.86 14.41
C THR A 187 20.61 16.15 13.80
N SER A 188 23.05 13.13 14.06
N SER A 188 21.26 15.21 14.49
CA SER A 188 21.89 13.99 13.82
CA SER A 188 21.87 14.06 13.82
C SER A 188 20.80 13.24 13.06
C SER A 188 20.81 13.25 13.06
N PRO A 189 19.65 13.01 13.71
CA PRO A 189 18.53 12.33 13.06
C PRO A 189 18.09 13.03 11.78
N ASP A 190 18.10 14.36 11.77
CA ASP A 190 17.71 15.12 10.58
C ASP A 190 18.65 14.82 9.42
N LEU A 191 19.95 14.75 9.70
CA LEU A 191 20.93 14.42 8.67
C LEU A 191 20.68 13.03 8.12
N GLN A 192 20.35 12.10 9.00
CA GLN A 192 20.10 10.72 8.61
C GLN A 192 18.89 10.61 7.68
N LEU A 193 17.82 11.34 8.00
CA LEU A 193 16.66 11.38 7.12
C LEU A 193 17.03 11.96 5.75
N THR A 194 17.86 12.99 5.77
CA THR A 194 18.30 13.66 4.55
C THR A 194 19.05 12.71 3.63
N VAL A 195 19.96 11.93 4.21
CA VAL A 195 20.70 10.93 3.45
C VAL A 195 19.76 9.84 2.94
N GLY A 196 18.79 9.47 3.77
CA GLY A 196 17.78 8.52 3.36
C GLY A 196 17.04 9.01 2.13
N ALA A 197 16.74 10.31 2.11
CA ALA A 197 16.05 10.92 0.98
C ALA A 197 16.92 10.85 -0.29
N VAL A 198 18.22 11.08 -0.13
CA VAL A 198 19.15 10.98 -1.25
C VAL A 198 19.11 9.57 -1.84
N ILE A 199 19.15 8.58 -0.96
CA ILE A 199 19.10 7.18 -1.38
C ILE A 199 17.80 6.84 -2.08
N VAL A 200 16.69 7.40 -1.59
CA VAL A 200 15.38 7.14 -2.19
C VAL A 200 15.29 7.78 -3.57
N GLU A 201 15.87 8.95 -3.74
CA GLU A 201 15.94 9.60 -5.05
C GLU A 201 16.63 8.66 -6.04
N GLU A 202 17.74 8.06 -5.60
CA GLU A 202 18.51 7.15 -6.42
C GLU A 202 17.72 5.88 -6.74
N MET A 203 17.04 5.35 -5.73
CA MET A 203 16.22 4.15 -5.91
C MET A 203 15.12 4.41 -6.92
N ARG A 204 14.45 5.54 -6.78
CA ARG A 204 13.34 5.90 -7.66
C ARG A 204 13.81 6.17 -9.10
N ALA A 205 15.01 6.70 -9.24
CA ALA A 205 15.60 6.93 -10.55
C ALA A 205 15.88 5.58 -11.23
N ALA A 206 16.41 4.65 -10.45
CA ALA A 206 16.72 3.31 -10.95
C ALA A 206 15.45 2.59 -11.40
N ILE A 207 14.40 2.70 -10.60
CA ILE A 207 13.12 2.09 -10.93
C ILE A 207 12.60 2.62 -12.27
N GLU A 208 12.61 3.94 -12.43
CA GLU A 208 12.12 4.56 -13.65
C GLU A 208 12.97 4.18 -14.87
N ARG A 209 14.30 4.24 -14.70
CA ARG A 209 15.21 3.89 -15.76
CA ARG A 209 15.18 3.89 -15.79
C ARG A 209 15.05 2.44 -16.23
N GLU A 210 14.90 1.51 -15.28
CA GLU A 210 14.88 0.09 -15.58
C GLU A 210 13.49 -0.51 -15.85
N THR A 211 12.44 0.20 -15.45
CA THR A 211 11.08 -0.30 -15.67
C THR A 211 10.19 0.70 -16.40
N GLY A 212 10.55 1.98 -16.30
CA GLY A 212 9.76 3.04 -16.90
C GLY A 212 8.66 3.53 -15.98
N PHE A 213 8.59 2.94 -14.79
CA PHE A 213 7.53 3.28 -13.83
C PHE A 213 7.94 4.39 -12.89
N GLN A 214 7.05 5.35 -12.67
CA GLN A 214 7.27 6.41 -11.70
C GLN A 214 6.57 6.09 -10.39
N CYS A 215 7.06 6.67 -9.29
CA CYS A 215 6.47 6.42 -7.99
C CYS A 215 6.67 7.59 -7.04
N SER A 216 5.85 7.63 -6.00
CA SER A 216 6.01 8.61 -4.94
C SER A 216 6.54 7.92 -3.69
N ALA A 217 7.19 8.65 -2.82
CA ALA A 217 7.76 8.07 -1.62
C ALA A 217 7.73 9.04 -0.43
N GLY A 218 7.67 8.47 0.77
CA GLY A 218 7.78 9.26 1.98
C GLY A 218 8.96 8.77 2.79
N ILE A 219 9.72 9.70 3.37
CA ILE A 219 10.84 9.33 4.21
C ILE A 219 10.67 9.92 5.62
N SER A 220 10.77 9.06 6.62
CA SER A 220 10.65 9.50 8.01
C SER A 220 11.32 8.50 8.95
N HIS A 221 10.95 8.54 10.22
CA HIS A 221 11.59 7.69 11.23
C HIS A 221 10.81 6.40 11.52
N ASN A 222 9.62 6.28 10.95
CA ASN A 222 8.82 5.07 11.13
C ASN A 222 7.83 4.85 9.98
N LYS A 223 7.21 3.68 9.97
CA LYS A 223 6.32 3.31 8.87
C LYS A 223 5.10 4.22 8.74
N VAL A 224 4.46 4.54 9.86
CA VAL A 224 3.26 5.38 9.82
C VAL A 224 3.54 6.78 9.27
N LEU A 225 4.60 7.41 9.75
CA LEU A 225 4.98 8.74 9.27
C LEU A 225 5.42 8.68 7.81
N ALA A 226 6.11 7.61 7.44
CA ALA A 226 6.58 7.42 6.08
C ALA A 226 5.42 7.36 5.09
N LYS A 227 4.40 6.57 5.42
CA LYS A 227 3.23 6.44 4.56
C LYS A 227 2.47 7.76 4.46
N LEU A 228 2.31 8.44 5.59
CA LEU A 228 1.66 9.74 5.61
C LEU A 228 2.43 10.75 4.75
N ALA A 229 3.75 10.72 4.89
CA ALA A 229 4.62 11.61 4.13
C ALA A 229 4.48 11.37 2.63
N CYS A 230 4.40 10.10 2.25
CA CYS A 230 4.32 9.73 0.84
C CYS A 230 3.13 10.39 0.13
N GLY A 231 2.00 10.49 0.83
CA GLY A 231 0.79 11.01 0.24
C GLY A 231 0.72 12.52 0.16
N LEU A 232 1.66 13.20 0.81
CA LEU A 232 1.66 14.66 0.85
C LEU A 232 1.96 15.29 -0.50
N ASN A 233 2.86 14.67 -1.26
CA ASN A 233 3.22 15.18 -2.57
C ASN A 233 3.25 14.10 -3.64
N LYS A 234 2.24 14.09 -4.49
CA LYS A 234 2.13 13.12 -5.57
C LYS A 234 1.60 13.81 -6.83
N PRO A 235 1.86 13.23 -8.01
CA PRO A 235 2.64 11.99 -8.21
C PRO A 235 4.11 12.29 -8.48
N ASN A 236 4.91 11.24 -8.59
CA ASN A 236 6.31 11.35 -8.98
C ASN A 236 7.11 12.31 -8.10
N ARG A 237 6.82 12.32 -6.80
CA ARG A 237 7.55 13.16 -5.85
C ARG A 237 7.75 12.42 -4.54
N GLN A 238 8.68 12.91 -3.71
CA GLN A 238 8.90 12.31 -2.40
C GLN A 238 8.95 13.40 -1.32
N THR A 239 8.48 13.05 -0.13
CA THR A 239 8.37 14.01 0.96
C THR A 239 9.10 13.53 2.21
N LEU A 240 9.92 14.41 2.77
CA LEU A 240 10.65 14.13 4.00
C LEU A 240 9.92 14.74 5.19
N VAL A 241 9.46 13.90 6.10
CA VAL A 241 8.82 14.37 7.32
C VAL A 241 9.74 14.18 8.52
N SER A 242 10.25 15.29 9.06
CA SER A 242 11.17 15.24 10.18
C SER A 242 10.40 15.10 11.48
N HIS A 243 11.09 14.65 12.53
CA HIS A 243 10.48 14.54 13.84
C HIS A 243 9.96 15.89 14.29
N GLY A 244 10.73 16.94 13.99
CA GLY A 244 10.37 18.29 14.38
C GLY A 244 9.11 18.81 13.71
N SER A 245 8.80 18.28 12.53
CA SER A 245 7.66 18.76 11.76
C SER A 245 6.32 18.18 12.24
N VAL A 246 6.39 17.18 13.12
CA VAL A 246 5.20 16.46 13.55
C VAL A 246 4.15 17.32 14.28
N PRO A 247 4.57 18.12 15.28
CA PRO A 247 3.60 18.92 16.02
C PRO A 247 2.73 19.80 15.12
N GLN A 248 3.34 20.53 14.20
CA GLN A 248 2.61 21.38 13.26
C GLN A 248 1.78 20.54 12.30
N LEU A 249 2.39 19.48 11.77
CA LEU A 249 1.72 18.61 10.81
C LEU A 249 0.47 17.96 11.41
N PHE A 250 0.59 17.47 12.64
CA PHE A 250 -0.51 16.77 13.30
C PHE A 250 -1.58 17.72 13.84
N SER A 251 -1.24 18.99 13.96
CA SER A 251 -2.17 19.97 14.56
C SER A 251 -3.44 20.15 13.74
N GLN A 252 -3.37 19.90 12.44
CA GLN A 252 -4.53 20.02 11.57
C GLN A 252 -4.81 18.74 10.78
N MET A 253 -4.16 17.65 11.19
CA MET A 253 -4.31 16.38 10.48
C MET A 253 -5.49 15.58 11.02
N PRO A 254 -6.53 15.39 10.18
CA PRO A 254 -7.67 14.56 10.58
C PRO A 254 -7.19 13.19 11.03
N ILE A 255 -7.80 12.67 12.10
CA ILE A 255 -7.38 11.39 12.67
C ILE A 255 -7.44 10.23 11.66
N ARG A 256 -8.43 10.27 10.78
CA ARG A 256 -8.64 9.19 9.82
C ARG A 256 -7.50 9.07 8.80
N LYS A 257 -6.68 10.10 8.71
CA LYS A 257 -5.58 10.10 7.73
C LYS A 257 -4.44 9.20 8.15
N ILE A 258 -4.28 8.98 9.46
CA ILE A 258 -3.24 8.08 9.97
C ILE A 258 -3.58 6.60 9.71
N ARG A 259 -2.61 5.83 9.29
CA ARG A 259 -2.88 4.47 8.92
C ARG A 259 -3.40 3.63 10.08
N SER A 260 -4.47 2.89 9.84
CA SER A 260 -5.16 2.06 10.81
C SER A 260 -6.23 2.82 11.59
N LEU A 261 -6.27 4.14 11.39
CA LEU A 261 -7.26 4.99 12.04
C LEU A 261 -8.40 5.40 11.11
N GLY A 262 -8.39 4.87 9.90
CA GLY A 262 -9.36 5.24 8.88
C GLY A 262 -10.72 4.58 9.03
N GLY A 263 -10.86 3.71 10.02
CA GLY A 263 -12.09 2.95 10.20
C GLY A 263 -12.82 3.20 11.50
N LYS A 264 -13.34 2.13 12.09
CA LYS A 264 -14.17 2.22 13.29
C LYS A 264 -13.42 2.75 14.52
N LEU A 265 -12.18 2.28 14.70
CA LEU A 265 -11.38 2.75 15.83
C LEU A 265 -11.18 4.26 15.76
N GLY A 266 -10.79 4.73 14.57
CA GLY A 266 -10.59 6.16 14.35
C GLY A 266 -11.84 6.96 14.65
N ALA A 267 -12.99 6.43 14.25
CA ALA A 267 -14.27 7.09 14.49
C ALA A 267 -14.58 7.12 15.98
N SER A 268 -14.28 6.04 16.67
CA SER A 268 -14.46 5.96 18.11
CA SER A 268 -14.37 5.92 18.12
C SER A 268 -13.59 6.96 18.85
N VAL A 269 -12.35 7.13 18.38
CA VAL A 269 -11.42 8.09 18.98
C VAL A 269 -12.04 9.48 18.94
N ILE A 270 -12.51 9.86 17.76
CA ILE A 270 -13.14 11.16 17.54
C ILE A 270 -14.39 11.34 18.39
N GLU A 271 -15.26 10.33 18.41
CA GLU A 271 -16.52 10.41 19.15
C GLU A 271 -16.33 10.38 20.66
N ILE A 272 -15.54 9.43 21.14
CA ILE A 272 -15.34 9.28 22.59
C ILE A 272 -14.55 10.45 23.20
N LEU A 273 -13.49 10.87 22.53
CA LEU A 273 -12.64 11.93 23.06
C LEU A 273 -13.08 13.33 22.66
N GLY A 274 -13.95 13.42 21.65
CA GLY A 274 -14.46 14.69 21.18
C GLY A 274 -13.38 15.56 20.53
N ILE A 275 -12.56 14.94 19.69
CA ILE A 275 -11.50 15.65 18.99
C ILE A 275 -11.55 15.38 17.48
N GLU A 276 -10.81 16.18 16.72
CA GLU A 276 -10.78 16.04 15.27
C GLU A 276 -9.39 15.63 14.76
N TYR A 277 -8.36 16.23 15.34
CA TYR A 277 -7.02 16.12 14.80
C TYR A 277 -6.07 15.25 15.64
N MET A 278 -5.09 14.67 14.97
CA MET A 278 -4.15 13.75 15.62
C MET A 278 -3.39 14.41 16.77
N GLY A 279 -3.05 15.67 16.61
CA GLY A 279 -2.31 16.40 17.62
C GLY A 279 -3.03 16.49 18.95
N GLU A 280 -4.35 16.58 18.90
CA GLU A 280 -5.17 16.72 20.10
C GLU A 280 -5.01 15.52 21.05
N LEU A 281 -4.51 14.41 20.53
CA LEU A 281 -4.34 13.19 21.32
C LEU A 281 -3.32 13.36 22.44
N THR A 282 -2.37 14.28 22.27
CA THR A 282 -1.29 14.47 23.23
C THR A 282 -1.78 14.86 24.61
N GLN A 283 -2.96 15.48 24.69
CA GLN A 283 -3.50 15.93 25.93
CA GLN A 283 -3.56 15.94 25.95
C GLN A 283 -3.85 14.82 26.92
N PHE A 284 -4.03 13.62 26.39
CA PHE A 284 -4.49 12.50 27.20
C PHE A 284 -3.33 11.63 27.72
N THR A 285 -3.49 11.08 28.92
CA THR A 285 -2.49 10.20 29.48
C THR A 285 -2.56 8.85 28.79
N GLU A 286 -1.46 8.09 28.86
CA GLU A 286 -1.43 6.76 28.25
C GLU A 286 -2.51 5.89 28.88
N SER A 287 -2.69 6.03 30.20
CA SER A 287 -3.71 5.26 30.92
C SER A 287 -5.11 5.60 30.42
N GLN A 288 -5.37 6.88 30.19
CA GLN A 288 -6.66 7.32 29.68
C GLN A 288 -6.97 6.68 28.34
N LEU A 289 -6.01 6.73 27.43
CA LEU A 289 -6.19 6.17 26.09
C LEU A 289 -6.41 4.66 26.15
N GLN A 290 -5.68 3.99 27.04
CA GLN A 290 -5.80 2.55 27.19
C GLN A 290 -7.17 2.13 27.72
N SER A 291 -7.70 2.91 28.66
CA SER A 291 -8.99 2.58 29.25
C SER A 291 -10.10 2.60 28.22
N HIS A 292 -10.01 3.54 27.28
CA HIS A 292 -11.03 3.69 26.24
C HIS A 292 -10.85 2.71 25.08
N PHE A 293 -9.61 2.52 24.65
CA PHE A 293 -9.36 1.79 23.40
C PHE A 293 -8.55 0.51 23.57
N GLY A 294 -8.29 0.12 24.82
CA GLY A 294 -7.55 -1.10 25.08
C GLY A 294 -6.07 -0.86 25.28
N GLU A 295 -5.41 -1.82 25.91
CA GLU A 295 -4.00 -1.70 26.28
C GLU A 295 -3.09 -1.44 25.07
N LYS A 296 -3.17 -2.30 24.06
CA LYS A 296 -2.36 -2.15 22.84
CA LYS A 296 -2.35 -2.14 22.86
C LYS A 296 -2.64 -0.92 22.00
N ASN A 297 -3.92 -0.61 21.81
CA ASN A 297 -4.30 0.59 21.08
C ASN A 297 -3.94 1.89 21.80
N GLY A 298 -4.18 1.91 23.11
CA GLY A 298 -3.89 3.08 23.91
C GLY A 298 -2.43 3.47 23.89
N SER A 299 -1.56 2.49 24.11
CA SER A 299 -0.12 2.73 24.08
C SER A 299 0.32 3.19 22.70
N TRP A 300 -0.24 2.56 21.66
CA TRP A 300 0.11 2.91 20.29
C TRP A 300 -0.27 4.35 19.99
N LEU A 301 -1.48 4.74 20.40
CA LEU A 301 -1.98 6.09 20.17
C LEU A 301 -1.15 7.13 20.92
N TYR A 302 -0.81 6.83 22.16
CA TYR A 302 -0.02 7.75 22.99
C TYR A 302 1.30 8.10 22.32
N ALA A 303 1.97 7.07 21.79
CA ALA A 303 3.25 7.26 21.12
C ALA A 303 3.09 7.87 19.73
N MET A 304 2.07 7.42 19.01
CA MET A 304 1.89 7.84 17.61
C MET A 304 1.56 9.33 17.47
N CYS A 305 0.72 9.85 18.35
CA CYS A 305 0.36 11.26 18.28
C CYS A 305 1.57 12.15 18.54
N ARG A 306 2.62 11.53 19.07
CA ARG A 306 3.88 12.24 19.33
C ARG A 306 4.91 11.93 18.25
N GLY A 307 4.48 11.20 17.22
CA GLY A 307 5.33 10.91 16.08
C GLY A 307 6.21 9.70 16.30
N ILE A 308 5.84 8.86 17.27
CA ILE A 308 6.64 7.69 17.63
C ILE A 308 5.92 6.39 17.35
N GLU A 309 6.59 5.51 16.61
CA GLU A 309 6.04 4.21 16.25
C GLU A 309 7.17 3.21 16.10
N HIS A 310 7.00 2.01 16.64
CA HIS A 310 8.10 1.05 16.70
C HIS A 310 7.89 -0.20 15.82
N ASP A 311 6.82 -0.22 15.05
CA ASP A 311 6.58 -1.36 14.15
C ASP A 311 7.76 -1.52 13.19
N PRO A 312 8.44 -2.68 13.26
CA PRO A 312 9.61 -2.92 12.43
C PRO A 312 9.23 -3.18 10.97
N VAL A 313 10.08 -2.72 10.05
CA VAL A 313 9.95 -3.10 8.65
C VAL A 313 10.39 -4.55 8.51
N LYS A 314 9.45 -5.42 8.18
CA LYS A 314 9.73 -6.84 8.13
C LYS A 314 10.36 -7.20 6.79
N PRO A 315 11.49 -7.91 6.82
CA PRO A 315 12.13 -8.35 5.57
C PRO A 315 11.30 -9.42 4.86
N ARG A 316 10.34 -8.95 4.07
CA ARG A 316 9.42 -9.82 3.34
C ARG A 316 9.30 -9.32 1.92
N GLN A 317 9.80 -10.10 0.96
CA GLN A 317 9.78 -9.70 -0.44
C GLN A 317 8.60 -10.34 -1.16
N LEU A 318 8.08 -11.42 -0.58
CA LEU A 318 7.00 -12.17 -1.19
C LEU A 318 5.72 -12.10 -0.38
N PRO A 319 4.57 -12.26 -1.05
CA PRO A 319 3.28 -12.28 -0.34
C PRO A 319 3.19 -13.48 0.59
N LYS A 320 2.50 -13.32 1.72
CA LYS A 320 2.32 -14.41 2.67
C LYS A 320 1.28 -15.40 2.17
N THR A 321 0.38 -14.92 1.32
CA THR A 321 -0.72 -15.74 0.84
C THR A 321 -0.89 -15.62 -0.67
N ILE A 322 -1.51 -16.63 -1.27
CA ILE A 322 -1.87 -16.60 -2.69
C ILE A 322 -3.34 -16.98 -2.83
N GLY A 323 -4.15 -16.03 -3.28
CA GLY A 323 -5.58 -16.28 -3.37
C GLY A 323 -6.23 -15.72 -4.62
N CYS A 324 -7.45 -16.20 -4.89
CA CYS A 324 -8.26 -15.69 -5.98
C CYS A 324 -9.72 -15.79 -5.57
N SER A 325 -10.54 -14.87 -6.04
CA SER A 325 -11.95 -14.86 -5.67
C SER A 325 -12.78 -14.19 -6.75
N LYS A 326 -14.09 -14.44 -6.72
CA LYS A 326 -15.01 -13.79 -7.64
C LYS A 326 -16.36 -13.53 -6.97
N ASN A 327 -16.84 -12.30 -7.10
CA ASN A 327 -18.15 -11.94 -6.62
C ASN A 327 -19.22 -12.30 -7.65
N PHE A 328 -20.39 -12.71 -7.16
CA PHE A 328 -21.52 -12.99 -8.04
C PHE A 328 -22.74 -12.21 -7.56
N PRO A 329 -22.75 -10.90 -7.84
CA PRO A 329 -23.76 -9.97 -7.34
C PRO A 329 -25.10 -10.09 -8.07
N GLY A 330 -26.17 -9.65 -7.41
CA GLY A 330 -27.49 -9.61 -8.00
C GLY A 330 -27.98 -10.96 -8.52
N LYS A 331 -28.44 -10.96 -9.76
CA LYS A 331 -29.02 -12.16 -10.36
C LYS A 331 -27.99 -13.18 -10.84
N THR A 332 -26.71 -12.83 -10.72
CA THR A 332 -25.66 -13.74 -11.15
C THR A 332 -25.29 -14.72 -10.05
N ALA A 333 -25.91 -14.56 -8.88
CA ALA A 333 -25.67 -15.45 -7.75
C ALA A 333 -25.87 -16.92 -8.14
N LEU A 334 -24.96 -17.78 -7.69
CA LEU A 334 -24.99 -19.19 -8.04
C LEU A 334 -26.09 -19.93 -7.29
N ALA A 335 -27.04 -20.49 -8.04
CA ALA A 335 -28.19 -21.16 -7.43
C ALA A 335 -28.22 -22.66 -7.71
N THR A 336 -27.22 -23.16 -8.43
CA THR A 336 -27.17 -24.58 -8.76
C THR A 336 -25.87 -25.23 -8.31
N ARG A 337 -25.94 -26.51 -7.98
CA ARG A 337 -24.79 -27.27 -7.51
C ARG A 337 -23.69 -27.36 -8.58
N GLU A 338 -24.10 -27.63 -9.80
CA GLU A 338 -23.16 -27.74 -10.92
C GLU A 338 -22.46 -26.42 -11.19
N GLN A 339 -23.18 -25.32 -11.02
CA GLN A 339 -22.63 -23.98 -11.21
C GLN A 339 -21.50 -23.71 -10.22
N VAL A 340 -21.79 -23.96 -8.95
CA VAL A 340 -20.83 -23.73 -7.88
C VAL A 340 -19.55 -24.53 -8.10
N GLN A 341 -19.71 -25.79 -8.50
CA GLN A 341 -18.57 -26.66 -8.76
C GLN A 341 -17.74 -26.17 -9.95
N TRP A 342 -18.42 -25.67 -10.97
CA TRP A 342 -17.73 -25.18 -12.16
C TRP A 342 -16.85 -23.97 -11.86
N TRP A 343 -17.38 -23.05 -11.06
CA TRP A 343 -16.63 -21.84 -10.71
C TRP A 343 -15.50 -22.13 -9.73
N LEU A 344 -15.74 -23.04 -8.79
CA LEU A 344 -14.68 -23.50 -7.91
C LEU A 344 -13.54 -24.05 -8.75
N LEU A 345 -13.89 -24.75 -9.82
CA LEU A 345 -12.89 -25.30 -10.72
C LEU A 345 -12.11 -24.20 -11.44
N GLN A 346 -12.80 -23.15 -11.88
CA GLN A 346 -12.15 -22.04 -12.54
C GLN A 346 -11.15 -21.38 -11.59
N LEU A 347 -11.60 -21.10 -10.36
CA LEU A 347 -10.74 -20.52 -9.34
C LEU A 347 -9.56 -21.42 -9.02
N ALA A 348 -9.82 -22.72 -8.89
CA ALA A 348 -8.78 -23.68 -8.55
C ALA A 348 -7.72 -23.77 -9.64
N GLN A 349 -8.17 -23.62 -10.90
CA GLN A 349 -7.26 -23.71 -12.03
C GLN A 349 -6.29 -22.51 -12.09
N GLU A 350 -6.79 -21.32 -11.84
CA GLU A 350 -5.92 -20.16 -11.77
C GLU A 350 -4.96 -20.29 -10.59
N LEU A 351 -5.49 -20.80 -9.48
CA LEU A 351 -4.70 -20.94 -8.27
C LEU A 351 -3.56 -21.93 -8.47
N GLU A 352 -3.84 -23.04 -9.16
CA GLU A 352 -2.81 -24.04 -9.45
C GLU A 352 -1.68 -23.45 -10.27
N GLU A 353 -2.02 -22.67 -11.30
CA GLU A 353 -1.02 -22.05 -12.16
C GLU A 353 -0.11 -21.10 -11.37
N ARG A 354 -0.72 -20.29 -10.52
CA ARG A 354 0.03 -19.33 -9.71
C ARG A 354 0.89 -20.04 -8.67
N LEU A 355 0.33 -21.09 -8.07
CA LEU A 355 1.05 -21.87 -7.06
C LEU A 355 2.28 -22.58 -7.64
N THR A 356 2.10 -23.23 -8.78
CA THR A 356 3.21 -23.92 -9.43
C THR A 356 4.33 -22.95 -9.77
N LYS A 357 3.94 -21.80 -10.31
CA LYS A 357 4.88 -20.73 -10.63
C LYS A 357 5.63 -20.27 -9.37
N ASP A 358 4.88 -20.12 -8.28
CA ASP A 358 5.45 -19.68 -7.02
C ASP A 358 6.48 -20.68 -6.50
N ARG A 359 6.16 -21.97 -6.62
CA ARG A 359 7.05 -23.03 -6.16
C ARG A 359 8.37 -23.00 -6.92
N ASN A 360 8.29 -22.91 -8.24
CA ASN A 360 9.49 -22.83 -9.08
C ASN A 360 10.31 -21.59 -8.81
N ASP A 361 9.65 -20.45 -8.67
CA ASP A 361 10.34 -19.18 -8.47
C ASP A 361 10.91 -19.01 -7.06
N ASN A 362 10.14 -19.40 -6.06
CA ASN A 362 10.45 -19.02 -4.68
C ASN A 362 10.78 -20.15 -3.71
N ASP A 363 10.90 -21.38 -4.23
CA ASP A 363 11.29 -22.52 -3.41
C ASP A 363 10.42 -22.68 -2.17
N ARG A 364 9.11 -22.62 -2.34
CA ARG A 364 8.20 -22.80 -1.21
C ARG A 364 6.92 -23.49 -1.67
N VAL A 365 6.20 -24.08 -0.72
CA VAL A 365 4.95 -24.76 -1.02
C VAL A 365 3.89 -24.42 0.01
N ALA A 366 2.66 -24.20 -0.46
CA ALA A 366 1.54 -23.96 0.43
C ALA A 366 1.00 -25.29 0.96
N THR A 367 0.69 -25.33 2.25
CA THR A 367 0.20 -26.55 2.87
C THR A 367 -1.25 -26.44 3.29
N GLN A 368 -1.80 -25.23 3.24
CA GLN A 368 -3.18 -25.01 3.64
C GLN A 368 -4.00 -24.30 2.56
N LEU A 369 -5.22 -24.78 2.36
CA LEU A 369 -6.16 -24.15 1.43
C LEU A 369 -7.35 -23.61 2.20
N VAL A 370 -7.60 -22.31 2.08
CA VAL A 370 -8.74 -21.69 2.75
C VAL A 370 -9.87 -21.45 1.76
N VAL A 371 -11.09 -21.81 2.16
CA VAL A 371 -12.27 -21.62 1.33
C VAL A 371 -13.28 -20.74 2.05
N SER A 372 -13.72 -19.68 1.37
CA SER A 372 -14.72 -18.78 1.95
C SER A 372 -15.82 -18.48 0.94
N ILE A 373 -17.03 -18.31 1.45
CA ILE A 373 -18.18 -18.02 0.60
C ILE A 373 -19.12 -17.02 1.26
N ARG A 374 -19.92 -16.36 0.44
CA ARG A 374 -20.97 -15.48 0.94
C ARG A 374 -22.30 -15.85 0.29
N VAL A 375 -23.35 -15.94 1.09
CA VAL A 375 -24.67 -16.29 0.57
C VAL A 375 -25.57 -15.06 0.54
N GLN A 376 -26.55 -15.09 -0.36
CA GLN A 376 -27.46 -13.96 -0.55
C GLN A 376 -28.21 -13.62 0.73
N GLY A 377 -28.31 -12.33 1.03
CA GLY A 377 -29.04 -11.87 2.20
C GLY A 377 -28.17 -11.78 3.44
N ASP A 378 -26.91 -12.19 3.31
CA ASP A 378 -25.98 -12.14 4.43
C ASP A 378 -25.26 -10.79 4.48
N LYS A 379 -25.38 -10.10 5.61
CA LYS A 379 -24.74 -8.81 5.79
C LYS A 379 -23.21 -8.91 5.74
N ARG A 380 -22.69 -9.98 6.32
CA ARG A 380 -21.25 -10.17 6.45
C ARG A 380 -20.61 -10.47 5.10
N LEU A 381 -19.35 -10.04 4.93
CA LEU A 381 -18.58 -10.35 3.73
C LEU A 381 -18.47 -11.85 3.52
N SER A 382 -18.28 -12.59 4.61
CA SER A 382 -18.12 -14.03 4.53
C SER A 382 -19.25 -14.74 5.27
N SER A 383 -19.97 -15.60 4.57
CA SER A 383 -20.98 -16.43 5.21
C SER A 383 -20.28 -17.55 5.98
N LEU A 384 -19.19 -18.05 5.42
CA LEU A 384 -18.43 -19.10 6.08
C LEU A 384 -16.97 -19.13 5.62
N ARG A 385 -16.09 -19.54 6.51
CA ARG A 385 -14.68 -19.72 6.19
C ARG A 385 -14.21 -21.08 6.71
N ARG A 386 -13.83 -21.96 5.79
CA ARG A 386 -13.37 -23.29 6.13
C ARG A 386 -11.99 -23.57 5.54
N CYS A 387 -11.28 -24.53 6.11
CA CYS A 387 -9.97 -24.88 5.60
CA CYS A 387 -9.94 -24.95 5.72
C CYS A 387 -9.71 -26.37 5.56
N CYS A 388 -8.80 -26.77 4.68
CA CYS A 388 -8.46 -28.18 4.52
C CYS A 388 -7.02 -28.31 4.04
N ALA A 389 -6.46 -29.51 4.09
CA ALA A 389 -5.08 -29.72 3.67
C ALA A 389 -4.92 -29.48 2.17
N LEU A 390 -3.76 -28.96 1.80
CA LEU A 390 -3.40 -28.76 0.40
C LEU A 390 -2.18 -29.61 0.11
N THR A 391 -2.41 -30.89 -0.16
CA THR A 391 -1.32 -31.85 -0.33
C THR A 391 -0.71 -31.81 -1.73
N ARG A 392 -1.53 -31.49 -2.73
CA ARG A 392 -1.07 -31.48 -4.12
C ARG A 392 -1.54 -30.24 -4.88
N TYR A 393 -0.67 -29.71 -5.73
CA TYR A 393 -1.04 -28.61 -6.60
C TYR A 393 -1.84 -29.13 -7.80
N ASP A 394 -3.05 -29.62 -7.54
CA ASP A 394 -3.92 -30.11 -8.59
C ASP A 394 -5.27 -29.40 -8.52
N ALA A 395 -5.63 -28.73 -9.60
CA ALA A 395 -6.86 -27.93 -9.64
C ALA A 395 -8.11 -28.75 -9.35
N HIS A 396 -8.21 -29.91 -9.98
CA HIS A 396 -9.38 -30.77 -9.79
C HIS A 396 -9.55 -31.21 -8.33
N LYS A 397 -8.44 -31.58 -7.70
CA LYS A 397 -8.49 -32.00 -6.30
C LYS A 397 -8.83 -30.83 -5.38
N MET A 398 -8.20 -29.69 -5.63
CA MET A 398 -8.44 -28.50 -4.83
C MET A 398 -9.90 -28.07 -4.90
N SER A 399 -10.47 -28.10 -6.11
CA SER A 399 -11.87 -27.74 -6.30
C SER A 399 -12.79 -28.74 -5.64
N HIS A 400 -12.43 -30.02 -5.72
CA HIS A 400 -13.21 -31.09 -5.09
C HIS A 400 -13.22 -30.92 -3.57
N ASP A 401 -12.05 -30.69 -2.99
CA ASP A 401 -11.92 -30.52 -1.55
C ASP A 401 -12.67 -29.27 -1.06
N ALA A 402 -12.53 -28.18 -1.80
CA ALA A 402 -13.21 -26.95 -1.46
C ALA A 402 -14.72 -27.16 -1.42
N PHE A 403 -15.21 -27.94 -2.38
CA PHE A 403 -16.63 -28.25 -2.47
C PHE A 403 -17.09 -29.05 -1.25
N THR A 404 -16.26 -30.01 -0.85
CA THR A 404 -16.60 -30.88 0.28
C THR A 404 -16.77 -30.10 1.58
N VAL A 405 -15.90 -29.12 1.80
CA VAL A 405 -15.94 -28.35 3.04
C VAL A 405 -17.09 -27.37 3.12
N ILE A 406 -17.57 -26.90 1.96
CA ILE A 406 -18.63 -25.89 1.94
C ILE A 406 -20.00 -26.45 1.61
N LYS A 407 -20.08 -27.73 1.26
CA LYS A 407 -21.32 -28.27 0.70
C LYS A 407 -22.50 -28.37 1.68
N ASN A 408 -22.21 -28.67 2.94
CA ASN A 408 -23.29 -28.75 3.94
C ASN A 408 -23.89 -27.38 4.21
N CYS A 409 -23.24 -26.34 3.70
CA CYS A 409 -23.69 -24.98 3.88
C CYS A 409 -25.01 -24.74 3.14
N ASN A 410 -25.21 -25.49 2.07
CA ASN A 410 -26.44 -25.40 1.27
C ASN A 410 -27.66 -25.90 2.05
N THR A 411 -28.60 -24.99 2.30
CA THR A 411 -29.83 -25.33 3.02
C THR A 411 -30.65 -26.34 2.24
N SER A 412 -30.41 -26.39 0.93
CA SER A 412 -31.13 -27.28 0.01
C SER A 412 -31.24 -26.61 -1.36
N THR A 416 -29.59 -30.75 -6.08
CA THR A 416 -29.36 -30.15 -7.40
C THR A 416 -29.29 -28.63 -7.29
N GLU A 417 -30.36 -27.99 -6.80
CA GLU A 417 -30.38 -26.55 -6.65
C GLU A 417 -29.54 -26.17 -5.43
N TRP A 418 -29.04 -24.93 -5.42
CA TRP A 418 -28.31 -24.44 -4.26
C TRP A 418 -29.02 -23.25 -3.64
N SER A 419 -29.40 -23.38 -2.38
CA SER A 419 -30.08 -22.32 -1.67
C SER A 419 -29.52 -22.15 -0.25
N PRO A 420 -29.27 -20.90 0.16
CA PRO A 420 -29.41 -19.73 -0.71
C PRO A 420 -28.26 -19.62 -1.72
N PRO A 421 -28.47 -18.88 -2.82
CA PRO A 421 -27.44 -18.69 -3.84
C PRO A 421 -26.19 -18.02 -3.30
N LEU A 422 -25.03 -18.42 -3.80
CA LEU A 422 -23.75 -17.87 -3.34
C LEU A 422 -23.37 -16.61 -4.12
N THR A 423 -23.01 -15.55 -3.40
CA THR A 423 -22.66 -14.29 -4.02
C THR A 423 -21.15 -14.08 -4.07
N MET A 424 -20.41 -15.01 -3.47
CA MET A 424 -18.96 -14.92 -3.46
C MET A 424 -18.30 -16.29 -3.32
N LEU A 425 -17.20 -16.48 -4.04
CA LEU A 425 -16.35 -17.65 -3.90
C LEU A 425 -14.92 -17.19 -3.69
N PHE A 426 -14.24 -17.82 -2.74
CA PHE A 426 -12.92 -17.36 -2.33
C PHE A 426 -12.02 -18.53 -1.99
N LEU A 427 -10.92 -18.68 -2.74
CA LEU A 427 -9.91 -19.68 -2.45
C LEU A 427 -8.58 -19.01 -2.14
N CYS A 428 -7.93 -19.43 -1.06
CA CYS A 428 -6.64 -18.88 -0.71
C CYS A 428 -5.65 -19.96 -0.26
N ALA A 429 -4.43 -19.88 -0.78
CA ALA A 429 -3.37 -20.77 -0.37
C ALA A 429 -2.52 -20.08 0.71
N THR A 430 -2.28 -20.79 1.81
CA THR A 430 -1.54 -20.22 2.93
C THR A 430 -0.65 -21.26 3.62
N LYS A 431 0.03 -20.83 4.67
CA LYS A 431 0.90 -21.71 5.46
C LYS A 431 2.02 -22.32 4.62
N PHE A 432 2.83 -21.47 4.01
CA PHE A 432 3.92 -21.92 3.15
C PHE A 432 5.06 -22.58 3.92
N SER A 433 5.67 -23.58 3.29
CA SER A 433 6.86 -24.23 3.83
C SER A 433 7.97 -24.24 2.79
N ALA A 434 9.21 -24.23 3.27
CA ALA A 434 10.37 -24.25 2.37
C ALA A 434 10.39 -25.54 1.55
N SER A 435 10.83 -25.42 0.31
CA SER A 435 10.90 -26.58 -0.59
C SER A 435 11.86 -26.34 -1.73
#